data_7W61
#
_entry.id   7W61
#
_cell.length_a   118.016
_cell.length_b   118.016
_cell.length_c   118.016
_cell.angle_alpha   90.000
_cell.angle_beta   90.000
_cell.angle_gamma   90.000
#
_symmetry.space_group_name_H-M   'I 2 3'
#
loop_
_entity.id
_entity.type
_entity.pdbx_description
1 polymer 'Farnesol dehydrogenase'
2 non-polymer 'NADP NICOTINAMIDE-ADENINE-DINUCLEOTIDE PHOSPHATE'
3 non-polymer 'ACETATE ION'
4 non-polymer GLYCEROL
5 non-polymer 1,2-ETHANEDIOL
6 non-polymer 'SODIUM ION'
7 water water
#
_entity_poly.entity_id   1
_entity_poly.type   'polypeptide(L)'
_entity_poly.pdbx_seq_one_letter_code
;DPMDRWVGKTAVVTGASSGIGAAICVELANAGINVVGVARRTGPIEELKTQVKGKGSITARQCDVSSPEAVAETFKWIDD
NLGCVHIMVNNAGIFTQGGITDVGGDMISEKDIMSVIDINLKGPILCSRHAIASMTRNKFDGHIVNINSIAGHYVPWSSK
FNVYASSKYGLTGFSASLLNELADHKNKIKVTSVSPGLVRTAMTVAADDSEMPALTPKDVADAVLYVISTPPTVNINELT
ITPVTERRL
;
_entity_poly.pdbx_strand_id   A
#
# COMPACT_ATOMS: atom_id res chain seq x y z
N ASP A 1 -7.80 -0.48 25.10
CA ASP A 1 -8.05 -0.09 23.64
C ASP A 1 -6.98 -0.71 22.73
N PRO A 2 -7.40 -1.48 21.70
CA PRO A 2 -6.42 -2.23 20.90
C PRO A 2 -5.40 -1.36 20.16
N MET A 3 -5.64 -0.06 19.98
CA MET A 3 -4.66 0.77 19.30
C MET A 3 -3.64 1.35 20.27
N ASP A 4 -3.86 1.16 21.58
CA ASP A 4 -2.87 1.69 22.53
C ASP A 4 -1.42 1.28 22.25
N ARG A 5 -1.12 0.01 21.87
CA ARG A 5 0.27 -0.40 21.69
C ARG A 5 0.92 0.37 20.51
N TRP A 6 0.08 1.09 19.74
CA TRP A 6 0.60 1.71 18.53
C TRP A 6 0.82 3.22 18.69
N VAL A 7 0.23 3.82 19.73
CA VAL A 7 0.39 5.25 19.94
C VAL A 7 1.88 5.57 20.09
N GLY A 8 2.30 6.61 19.35
CA GLY A 8 3.69 7.03 19.45
C GLY A 8 4.66 6.24 18.58
N LYS A 9 4.17 5.16 17.90
CA LYS A 9 5.04 4.40 16.99
C LYS A 9 5.07 5.05 15.62
N THR A 10 5.97 4.53 14.76
CA THR A 10 6.23 5.12 13.45
C THR A 10 5.66 4.24 12.33
N ALA A 11 4.85 4.85 11.44
CA ALA A 11 4.34 4.07 10.29
C ALA A 11 4.90 4.73 9.04
N VAL A 12 5.30 3.94 8.05
CA VAL A 12 5.68 4.46 6.74
C VAL A 12 4.57 4.09 5.76
N VAL A 13 4.06 5.09 4.99
CA VAL A 13 2.94 4.81 4.05
C VAL A 13 3.35 5.34 2.69
N THR A 14 3.55 4.43 1.72
CA THR A 14 3.88 4.83 0.35
C THR A 14 2.61 5.25 -0.40
N GLY A 15 2.75 6.10 -1.44
CA GLY A 15 1.55 6.62 -2.12
C GLY A 15 0.71 7.46 -1.19
N ALA A 16 1.38 8.35 -0.41
CA ALA A 16 0.68 9.13 0.61
C ALA A 16 0.04 10.41 0.05
N SER A 17 0.28 10.75 -1.25
CA SER A 17 -0.07 12.11 -1.68
C SER A 17 -1.52 12.15 -2.18
N SER A 18 -2.20 11.00 -2.28
CA SER A 18 -3.47 10.96 -2.96
C SER A 18 -4.24 9.74 -2.47
N GLY A 19 -5.56 9.72 -2.68
CA GLY A 19 -6.27 8.44 -2.68
C GLY A 19 -6.23 7.70 -1.32
N ILE A 20 -6.05 6.38 -1.43
CA ILE A 20 -6.11 5.51 -0.28
C ILE A 20 -4.96 5.83 0.69
N GLY A 21 -3.79 6.11 0.13
CA GLY A 21 -2.63 6.31 1.00
C GLY A 21 -2.77 7.62 1.83
N ALA A 22 -3.30 8.69 1.21
CA ALA A 22 -3.56 9.93 1.95
C ALA A 22 -4.56 9.68 3.08
N ALA A 23 -5.59 8.84 2.85
CA ALA A 23 -6.57 8.57 3.90
C ALA A 23 -5.99 7.70 5.03
N ILE A 24 -5.08 6.76 4.66
CA ILE A 24 -4.39 5.96 5.67
C ILE A 24 -3.54 6.88 6.53
N CYS A 25 -2.80 7.84 5.89
CA CYS A 25 -1.95 8.67 6.73
C CYS A 25 -2.77 9.48 7.75
N VAL A 26 -3.93 10.03 7.32
CA VAL A 26 -4.69 10.82 8.31
C VAL A 26 -5.27 9.91 9.41
N GLU A 27 -5.78 8.71 9.04
CA GLU A 27 -6.41 7.87 10.05
C GLU A 27 -5.32 7.35 11.00
N LEU A 28 -4.10 7.09 10.49
CA LEU A 28 -3.08 6.64 11.43
C LEU A 28 -2.64 7.73 12.41
N ALA A 29 -2.46 8.94 11.87
CA ALA A 29 -2.03 10.06 12.68
C ALA A 29 -3.12 10.35 13.71
N ASN A 30 -4.39 10.23 13.30
CA ASN A 30 -5.46 10.53 14.28
C ASN A 30 -5.46 9.49 15.41
N ALA A 31 -4.89 8.31 15.16
CA ALA A 31 -4.78 7.26 16.13
C ALA A 31 -3.51 7.39 16.99
N GLY A 32 -2.76 8.49 16.80
CA GLY A 32 -1.58 8.74 17.59
C GLY A 32 -0.27 8.24 17.02
N ILE A 33 -0.30 7.70 15.80
CA ILE A 33 0.94 7.22 15.15
C ILE A 33 1.63 8.41 14.44
N ASN A 34 2.95 8.38 14.42
CA ASN A 34 3.76 9.29 13.63
C ASN A 34 4.03 8.70 12.27
N VAL A 35 3.40 9.31 11.26
CA VAL A 35 3.43 8.77 9.92
C VAL A 35 4.51 9.46 9.09
N VAL A 36 5.23 8.65 8.32
CA VAL A 36 6.09 9.17 7.26
C VAL A 36 5.40 8.80 5.94
N GLY A 37 4.84 9.83 5.30
CA GLY A 37 4.11 9.60 4.06
C GLY A 37 5.05 9.88 2.89
N VAL A 38 5.14 8.96 1.91
CA VAL A 38 6.09 9.15 0.81
C VAL A 38 5.38 9.00 -0.53
N ALA A 39 5.87 9.71 -1.55
CA ALA A 39 5.39 9.67 -2.91
C ALA A 39 6.42 10.41 -3.75
N ARG A 40 6.24 10.40 -5.06
CA ARG A 40 7.19 11.09 -5.93
C ARG A 40 6.92 12.59 -5.82
N ARG A 41 5.70 13.00 -5.44
CA ARG A 41 5.36 14.43 -5.34
C ARG A 41 4.81 14.63 -3.96
N THR A 42 5.50 15.45 -3.14
CA THR A 42 5.18 15.54 -1.71
C THR A 42 4.24 16.70 -1.30
N GLY A 43 3.94 17.65 -2.21
CA GLY A 43 3.17 18.82 -1.82
C GLY A 43 1.85 18.47 -1.18
N PRO A 44 1.09 17.52 -1.79
CA PRO A 44 -0.21 17.19 -1.21
C PRO A 44 -0.08 16.52 0.16
N ILE A 45 1.05 15.84 0.45
CA ILE A 45 1.21 15.16 1.73
C ILE A 45 1.36 16.19 2.85
N GLU A 46 2.17 17.22 2.55
CA GLU A 46 2.33 18.33 3.48
C GLU A 46 0.96 18.88 3.85
N GLU A 47 0.06 18.98 2.89
CA GLU A 47 -1.26 19.53 3.17
C GLU A 47 -2.11 18.66 4.08
N LEU A 48 -1.89 17.34 4.14
CA LEU A 48 -2.72 16.53 5.04
C LEU A 48 -2.55 16.90 6.51
N LYS A 49 -1.43 17.56 6.86
CA LYS A 49 -1.21 17.89 8.27
C LYS A 49 -2.37 18.67 8.88
N THR A 50 -3.05 19.49 8.08
CA THR A 50 -4.16 20.29 8.63
C THR A 50 -5.38 19.45 8.97
N GLN A 51 -5.44 18.19 8.50
CA GLN A 51 -6.52 17.34 8.90
C GLN A 51 -6.21 16.50 10.15
N VAL A 52 -5.01 16.57 10.71
CA VAL A 52 -4.74 15.72 11.85
C VAL A 52 -5.42 16.36 13.06
N LYS A 53 -6.34 15.60 13.67
CA LYS A 53 -7.06 15.98 14.88
C LYS A 53 -6.43 15.32 16.10
N GLY A 54 -5.87 14.10 15.97
CA GLY A 54 -5.25 13.39 17.08
C GLY A 54 -3.81 13.78 17.37
N LYS A 55 -3.09 12.86 18.03
CA LYS A 55 -1.83 13.22 18.65
C LYS A 55 -0.68 12.74 17.79
N GLY A 56 -1.02 12.14 16.63
CA GLY A 56 0.05 11.66 15.76
C GLY A 56 0.49 12.77 14.85
N SER A 57 1.30 12.47 13.87
CA SER A 57 1.82 13.50 12.98
C SER A 57 1.95 12.91 11.57
N ILE A 58 2.15 13.79 10.58
CA ILE A 58 2.44 13.34 9.23
C ILE A 58 3.67 14.12 8.74
N THR A 59 4.73 13.40 8.30
CA THR A 59 5.95 13.98 7.75
C THR A 59 6.05 13.53 6.29
N ALA A 60 6.23 14.46 5.36
CA ALA A 60 6.38 14.14 3.93
C ALA A 60 7.84 13.84 3.58
N ARG A 61 8.04 12.75 2.84
CA ARG A 61 9.35 12.52 2.22
C ARG A 61 9.22 12.07 0.77
N GLN A 62 10.16 12.52 -0.09
CA GLN A 62 10.06 12.21 -1.51
C GLN A 62 10.67 10.85 -1.76
N CYS A 63 9.97 9.96 -2.50
CA CYS A 63 10.62 8.70 -2.82
C CYS A 63 9.89 8.06 -4.01
N ASP A 64 10.66 7.57 -4.97
CA ASP A 64 10.09 6.73 -6.03
C ASP A 64 10.34 5.28 -5.61
N VAL A 65 9.29 4.54 -5.26
CA VAL A 65 9.50 3.19 -4.70
C VAL A 65 10.00 2.22 -5.78
N SER A 66 10.09 2.65 -7.05
CA SER A 66 10.57 1.68 -8.03
C SER A 66 12.10 1.66 -8.02
N SER A 67 12.71 2.71 -7.38
CA SER A 67 14.16 2.89 -7.42
C SER A 67 14.84 2.38 -6.14
N PRO A 68 15.67 1.31 -6.18
CA PRO A 68 16.33 0.82 -4.97
C PRO A 68 17.10 1.93 -4.26
N GLU A 69 17.71 2.86 -5.03
CA GLU A 69 18.47 3.93 -4.39
C GLU A 69 17.53 4.87 -3.64
N ALA A 70 16.41 5.30 -4.26
CA ALA A 70 15.51 6.22 -3.57
C ALA A 70 14.93 5.57 -2.31
N VAL A 71 14.58 4.26 -2.38
CA VAL A 71 14.01 3.58 -1.22
C VAL A 71 15.06 3.55 -0.07
N ALA A 72 16.33 3.22 -0.42
CA ALA A 72 17.38 3.19 0.59
C ALA A 72 17.64 4.57 1.20
N GLU A 73 17.54 5.62 0.36
CA GLU A 73 17.72 6.97 0.94
C GLU A 73 16.59 7.29 1.91
N THR A 74 15.33 6.92 1.57
CA THR A 74 14.22 7.26 2.46
C THR A 74 14.35 6.47 3.77
N PHE A 75 14.69 5.16 3.70
CA PHE A 75 14.78 4.35 4.91
C PHE A 75 15.95 4.83 5.78
N LYS A 76 17.01 5.32 5.14
CA LYS A 76 18.16 5.79 5.93
C LYS A 76 17.71 7.07 6.65
N TRP A 77 16.98 7.96 5.95
CA TRP A 77 16.50 9.18 6.63
C TRP A 77 15.59 8.85 7.80
N ILE A 78 14.68 7.87 7.58
CA ILE A 78 13.80 7.48 8.67
C ILE A 78 14.64 6.95 9.84
N ASP A 79 15.58 6.07 9.59
CA ASP A 79 16.36 5.47 10.66
C ASP A 79 17.11 6.56 11.46
N ASP A 80 17.69 7.52 10.70
CA ASP A 80 18.47 8.58 11.32
C ASP A 80 17.59 9.52 12.11
N ASN A 81 16.33 9.73 11.74
CA ASN A 81 15.50 10.79 12.30
C ASN A 81 14.38 10.34 13.23
N LEU A 82 13.76 9.18 12.95
CA LEU A 82 12.63 8.68 13.73
C LEU A 82 12.99 7.35 14.38
N GLY A 83 13.97 6.60 13.86
CA GLY A 83 14.27 5.33 14.51
C GLY A 83 13.50 4.15 13.87
N CYS A 84 13.01 3.23 14.71
CA CYS A 84 12.43 1.96 14.23
C CYS A 84 11.20 2.20 13.33
N VAL A 85 11.07 1.39 12.24
CA VAL A 85 9.82 1.39 11.51
C VAL A 85 8.88 0.37 12.14
N HIS A 86 7.74 0.78 12.67
CA HIS A 86 6.84 -0.16 13.36
C HIS A 86 5.74 -0.73 12.44
N ILE A 87 5.29 0.13 11.52
CA ILE A 87 4.25 -0.29 10.56
C ILE A 87 4.77 0.12 9.16
N MET A 88 4.63 -0.80 8.18
CA MET A 88 4.92 -0.47 6.81
C MET A 88 3.65 -0.68 5.99
N VAL A 89 3.25 0.37 5.27
CA VAL A 89 2.05 0.26 4.40
C VAL A 89 2.51 0.42 2.95
N ASN A 90 2.50 -0.67 2.18
CA ASN A 90 2.90 -0.60 0.78
C ASN A 90 1.65 -0.35 0.01
N ASN A 91 1.38 0.94 -0.23
CA ASN A 91 0.13 1.33 -0.91
C ASN A 91 0.41 1.93 -2.30
N ALA A 92 1.61 2.47 -2.56
CA ALA A 92 1.82 3.11 -3.86
C ALA A 92 1.53 2.08 -4.97
N GLY A 93 0.89 2.57 -6.06
CA GLY A 93 0.65 1.70 -7.21
C GLY A 93 0.12 2.53 -8.36
N ILE A 94 0.21 1.97 -9.56
CA ILE A 94 -0.21 2.62 -10.77
C ILE A 94 -1.01 1.66 -11.59
N PHE A 95 -1.78 2.26 -12.52
CA PHE A 95 -2.51 1.50 -13.54
C PHE A 95 -2.56 2.35 -14.79
N THR A 96 -2.17 1.79 -15.94
CA THR A 96 -2.24 2.50 -17.21
C THR A 96 -3.28 1.75 -18.08
N GLN A 97 -4.34 2.43 -18.56
CA GLN A 97 -5.32 1.71 -19.37
C GLN A 97 -4.70 1.38 -20.73
N GLY A 98 -4.89 0.14 -21.16
CA GLY A 98 -4.63 -0.31 -22.51
C GLY A 98 -4.00 -1.69 -22.57
N GLY A 99 -3.36 -2.01 -23.71
CA GLY A 99 -3.04 -3.44 -23.94
C GLY A 99 -1.55 -3.74 -23.75
N ILE A 100 -1.26 -5.03 -23.54
CA ILE A 100 0.12 -5.51 -23.60
C ILE A 100 0.64 -5.32 -25.02
N THR A 101 -0.22 -5.69 -25.99
CA THR A 101 0.12 -5.66 -27.43
C THR A 101 -0.75 -4.60 -28.09
N ASP A 102 -0.60 -4.48 -29.43
CA ASP A 102 -1.38 -3.50 -30.17
C ASP A 102 -2.54 -4.10 -30.93
N VAL A 103 -2.97 -5.34 -30.54
CA VAL A 103 -4.01 -6.00 -31.33
C VAL A 103 -5.33 -5.22 -31.30
N GLY A 104 -5.53 -4.36 -30.31
CA GLY A 104 -6.74 -3.56 -30.15
C GLY A 104 -6.44 -2.08 -30.41
N GLY A 105 -5.22 -1.81 -30.87
CA GLY A 105 -4.90 -0.40 -31.14
C GLY A 105 -4.75 0.47 -29.89
N ASP A 106 -4.46 -0.17 -28.73
CA ASP A 106 -4.31 0.58 -27.50
C ASP A 106 -3.13 0.06 -26.69
N MET A 107 -2.07 -0.35 -27.38
CA MET A 107 -0.86 -0.86 -26.68
C MET A 107 -0.29 0.25 -25.77
N ILE A 108 0.04 -0.08 -24.51
CA ILE A 108 0.77 0.86 -23.64
C ILE A 108 2.27 0.82 -23.94
N SER A 109 2.91 1.95 -23.58
CA SER A 109 4.35 2.05 -23.87
C SER A 109 5.16 1.01 -23.10
N GLU A 110 6.36 0.73 -23.60
CA GLU A 110 7.22 -0.21 -22.91
C GLU A 110 7.62 0.40 -21.56
N LYS A 111 7.95 1.68 -21.51
CA LYS A 111 8.21 2.29 -20.21
C LYS A 111 7.05 2.06 -19.21
N ASP A 112 5.78 2.26 -19.66
CA ASP A 112 4.66 2.11 -18.74
C ASP A 112 4.52 0.66 -18.32
N ILE A 113 4.66 -0.27 -19.26
CA ILE A 113 4.42 -1.69 -18.92
C ILE A 113 5.50 -2.18 -17.95
N MET A 114 6.73 -1.71 -18.11
CA MET A 114 7.74 -2.04 -17.11
C MET A 114 7.53 -1.35 -15.77
N SER A 115 7.07 -0.10 -15.82
CA SER A 115 6.81 0.68 -14.60
CA SER A 115 6.83 0.66 -14.61
C SER A 115 5.76 0.02 -13.73
N VAL A 116 4.72 -0.56 -14.37
CA VAL A 116 3.65 -1.13 -13.54
C VAL A 116 4.23 -2.28 -12.69
N ILE A 117 5.11 -3.13 -13.30
CA ILE A 117 5.71 -4.17 -12.49
C ILE A 117 6.65 -3.56 -11.41
N ASP A 118 7.49 -2.60 -11.83
CA ASP A 118 8.51 -2.07 -10.90
C ASP A 118 7.81 -1.42 -9.70
N ILE A 119 6.77 -0.56 -9.93
CA ILE A 119 6.13 0.12 -8.80
C ILE A 119 5.27 -0.88 -8.00
N ASN A 120 4.41 -1.62 -8.68
CA ASN A 120 3.38 -2.34 -7.92
C ASN A 120 3.94 -3.62 -7.30
N LEU A 121 5.02 -4.20 -7.85
CA LEU A 121 5.53 -5.44 -7.27
C LEU A 121 6.94 -5.24 -6.70
N LYS A 122 7.86 -4.64 -7.48
CA LYS A 122 9.20 -4.46 -6.91
C LYS A 122 9.14 -3.52 -5.72
N GLY A 123 8.30 -2.48 -5.75
CA GLY A 123 8.25 -1.45 -4.73
C GLY A 123 7.97 -2.11 -3.39
N PRO A 124 6.90 -2.90 -3.26
CA PRO A 124 6.63 -3.52 -1.97
C PRO A 124 7.70 -4.50 -1.50
N ILE A 125 8.38 -5.19 -2.43
CA ILE A 125 9.50 -6.08 -2.06
C ILE A 125 10.63 -5.27 -1.43
N LEU A 126 11.01 -4.15 -2.09
CA LEU A 126 12.14 -3.37 -1.57
C LEU A 126 11.75 -2.74 -0.21
N CYS A 127 10.53 -2.14 -0.11
CA CYS A 127 10.18 -1.46 1.12
C CYS A 127 10.05 -2.46 2.27
N SER A 128 9.46 -3.66 1.94
CA SER A 128 9.30 -4.67 3.02
C SER A 128 10.65 -5.14 3.53
N ARG A 129 11.65 -5.22 2.63
CA ARG A 129 12.96 -5.68 3.11
C ARG A 129 13.57 -4.60 4.02
N HIS A 130 13.41 -3.32 3.67
CA HIS A 130 14.01 -2.33 4.57
C HIS A 130 13.25 -2.27 5.90
N ALA A 131 11.91 -2.30 5.84
CA ALA A 131 11.09 -2.22 7.04
C ALA A 131 11.40 -3.38 7.99
N ILE A 132 11.53 -4.60 7.46
CA ILE A 132 11.75 -5.76 8.33
C ILE A 132 13.18 -5.71 8.89
N ALA A 133 14.15 -5.20 8.11
CA ALA A 133 15.50 -5.09 8.65
C ALA A 133 15.49 -4.11 9.85
N SER A 134 14.67 -3.06 9.76
CA SER A 134 14.55 -2.10 10.86
C SER A 134 13.86 -2.73 12.07
N MET A 135 12.79 -3.45 11.80
CA MET A 135 12.04 -4.09 12.90
C MET A 135 12.91 -5.10 13.64
N THR A 136 13.61 -5.95 12.93
CA THR A 136 14.40 -7.00 13.57
C THR A 136 15.65 -6.39 14.25
N ARG A 137 16.24 -5.34 13.68
CA ARG A 137 17.33 -4.63 14.35
C ARG A 137 16.86 -4.15 15.73
N ASN A 138 15.61 -3.70 15.83
CA ASN A 138 15.02 -3.09 17.01
C ASN A 138 14.28 -4.09 17.90
N LYS A 139 14.31 -5.35 17.53
CA LYS A 139 13.65 -6.41 18.27
C LYS A 139 12.16 -6.12 18.40
N PHE A 140 11.53 -5.64 17.29
CA PHE A 140 10.14 -5.25 17.35
C PHE A 140 9.31 -6.04 16.34
N ASP A 141 8.18 -6.61 16.78
CA ASP A 141 7.28 -7.34 15.85
C ASP A 141 6.25 -6.37 15.27
N GLY A 142 6.54 -5.78 14.08
CA GLY A 142 5.62 -4.79 13.49
C GLY A 142 4.67 -5.44 12.51
N HIS A 143 4.13 -4.62 11.59
CA HIS A 143 3.06 -5.08 10.70
C HIS A 143 3.29 -4.49 9.32
N ILE A 144 3.28 -5.38 8.32
CA ILE A 144 3.41 -5.00 6.91
C ILE A 144 2.01 -5.12 6.32
N VAL A 145 1.53 -4.03 5.71
CA VAL A 145 0.21 -4.09 5.04
C VAL A 145 0.46 -3.74 3.56
N ASN A 146 0.00 -4.67 2.70
CA ASN A 146 0.21 -4.46 1.27
C ASN A 146 -1.15 -4.18 0.66
N ILE A 147 -1.28 -3.04 -0.03
CA ILE A 147 -2.57 -2.73 -0.71
C ILE A 147 -2.55 -3.38 -2.08
N ASN A 148 -3.35 -4.46 -2.16
CA ASN A 148 -3.43 -5.31 -3.32
C ASN A 148 -4.64 -4.83 -4.14
N SER A 149 -5.49 -5.75 -4.64
CA SER A 149 -6.62 -5.43 -5.52
C SER A 149 -7.45 -6.72 -5.64
N ILE A 150 -8.77 -6.56 -5.91
CA ILE A 150 -9.46 -7.80 -6.33
C ILE A 150 -8.76 -8.45 -7.54
N ALA A 151 -8.10 -7.65 -8.39
CA ALA A 151 -7.43 -8.18 -9.55
C ALA A 151 -6.11 -8.88 -9.21
N GLY A 152 -5.73 -8.96 -7.92
CA GLY A 152 -4.70 -9.88 -7.53
C GLY A 152 -5.23 -11.28 -7.26
N HIS A 153 -6.51 -11.54 -7.57
CA HIS A 153 -7.11 -12.81 -7.21
C HIS A 153 -8.04 -13.35 -8.30
N TYR A 154 -8.27 -12.54 -9.35
CA TYR A 154 -9.03 -13.03 -10.52
C TYR A 154 -8.49 -12.25 -11.75
N VAL A 155 -8.75 -12.78 -12.94
CA VAL A 155 -8.23 -12.16 -14.18
C VAL A 155 -9.36 -11.27 -14.70
N PRO A 156 -9.15 -9.95 -14.81
CA PRO A 156 -10.21 -9.08 -15.35
C PRO A 156 -10.60 -9.42 -16.79
N TRP A 157 -11.89 -9.19 -17.14
N TRP A 157 -11.88 -9.15 -17.09
CA TRP A 157 -12.41 -9.40 -18.50
CA TRP A 157 -12.44 -9.43 -18.39
C TRP A 157 -11.94 -8.25 -19.37
C TRP A 157 -12.07 -8.28 -19.32
N SER A 158 -11.90 -7.07 -18.75
CA SER A 158 -11.51 -5.91 -19.54
C SER A 158 -10.12 -6.08 -20.14
N SER A 159 -9.98 -5.78 -21.44
CA SER A 159 -8.66 -5.82 -22.04
C SER A 159 -7.91 -4.51 -21.84
N LYS A 160 -8.39 -3.64 -20.94
CA LYS A 160 -7.57 -2.45 -20.64
C LYS A 160 -6.57 -2.73 -19.51
N PHE A 161 -6.60 -3.96 -18.98
CA PHE A 161 -5.82 -4.19 -17.77
C PHE A 161 -4.38 -4.65 -17.97
N ASN A 162 -3.94 -5.05 -19.20
CA ASN A 162 -2.52 -5.33 -19.48
C ASN A 162 -1.90 -6.18 -18.36
N VAL A 163 -0.83 -5.70 -17.72
CA VAL A 163 -0.13 -6.48 -16.71
C VAL A 163 -0.44 -6.01 -15.30
N TYR A 164 -1.50 -5.21 -15.16
CA TYR A 164 -1.86 -4.82 -13.80
C TYR A 164 -2.27 -6.00 -12.93
N ALA A 165 -3.11 -6.88 -13.48
CA ALA A 165 -3.46 -8.06 -12.72
C ALA A 165 -2.22 -8.93 -12.43
N SER A 166 -1.36 -9.06 -13.44
CA SER A 166 -0.12 -9.80 -13.20
C SER A 166 0.64 -9.19 -12.01
N SER A 167 0.74 -7.86 -11.92
CA SER A 167 1.52 -7.30 -10.83
C SER A 167 0.86 -7.64 -9.49
N LYS A 168 -0.49 -7.63 -9.45
CA LYS A 168 -1.20 -7.87 -8.18
C LYS A 168 -1.23 -9.36 -7.83
N TYR A 169 -1.30 -10.26 -8.85
CA TYR A 169 -1.06 -11.68 -8.58
C TYR A 169 0.33 -11.88 -7.98
N GLY A 170 1.31 -11.15 -8.54
CA GLY A 170 2.66 -11.09 -7.97
C GLY A 170 2.59 -10.71 -6.49
N LEU A 171 1.84 -9.64 -6.21
CA LEU A 171 1.79 -9.17 -4.80
C LEU A 171 1.07 -10.15 -3.90
N THR A 172 0.05 -10.87 -4.41
CA THR A 172 -0.60 -11.93 -3.59
C THR A 172 0.43 -13.00 -3.19
N GLY A 173 1.19 -13.45 -4.20
CA GLY A 173 2.18 -14.48 -3.89
C GLY A 173 3.30 -13.97 -3.00
N PHE A 174 3.76 -12.73 -3.29
CA PHE A 174 4.78 -12.12 -2.41
C PHE A 174 4.33 -12.07 -0.97
N SER A 175 3.13 -11.52 -0.77
CA SER A 175 2.62 -11.32 0.59
CA SER A 175 2.68 -11.30 0.59
C SER A 175 2.59 -12.65 1.34
N ALA A 176 2.07 -13.71 0.69
CA ALA A 176 1.97 -15.01 1.33
C ALA A 176 3.33 -15.65 1.56
N SER A 177 4.25 -15.53 0.57
CA SER A 177 5.59 -16.09 0.79
C SER A 177 6.32 -15.30 1.88
N LEU A 178 6.11 -13.97 1.99
CA LEU A 178 6.78 -13.26 3.08
C LEU A 178 6.25 -13.75 4.43
N LEU A 179 4.93 -13.82 4.60
CA LEU A 179 4.43 -14.32 5.87
C LEU A 179 4.87 -15.77 6.16
N ASN A 180 4.96 -16.60 5.11
CA ASN A 180 5.48 -17.95 5.21
C ASN A 180 6.91 -18.02 5.77
N GLU A 181 7.74 -17.10 5.29
CA GLU A 181 9.15 -17.07 5.64
C GLU A 181 9.26 -16.62 7.09
N LEU A 182 8.53 -15.55 7.46
CA LEU A 182 8.58 -15.10 8.86
C LEU A 182 8.13 -16.22 9.82
N ALA A 183 7.02 -16.85 9.45
CA ALA A 183 6.49 -17.93 10.31
C ALA A 183 7.45 -19.11 10.43
N ASP A 184 8.05 -19.49 9.30
CA ASP A 184 8.95 -20.65 9.30
C ASP A 184 10.13 -20.40 10.24
N HIS A 185 10.54 -19.13 10.42
CA HIS A 185 11.66 -18.82 11.33
C HIS A 185 11.13 -18.35 12.69
N LYS A 186 9.82 -18.56 12.97
CA LYS A 186 9.26 -18.22 14.27
C LYS A 186 9.32 -16.72 14.58
N ASN A 187 9.27 -15.89 13.53
CA ASN A 187 9.23 -14.47 13.70
C ASN A 187 7.77 -14.04 13.65
N LYS A 188 7.43 -13.08 14.51
CA LYS A 188 6.08 -12.67 14.80
C LYS A 188 5.65 -11.38 14.12
N ILE A 189 6.40 -10.93 13.11
CA ILE A 189 5.91 -9.77 12.33
C ILE A 189 4.68 -10.21 11.53
N LYS A 190 3.71 -9.32 11.48
CA LYS A 190 2.44 -9.61 10.77
C LYS A 190 2.49 -9.08 9.34
N VAL A 191 1.78 -9.78 8.43
CA VAL A 191 1.66 -9.34 7.06
C VAL A 191 0.20 -9.47 6.66
N THR A 192 -0.35 -8.43 6.06
CA THR A 192 -1.74 -8.46 5.57
C THR A 192 -1.79 -8.00 4.13
N SER A 193 -2.54 -8.71 3.25
CA SER A 193 -2.92 -8.19 1.95
C SER A 193 -4.34 -7.64 2.07
N VAL A 194 -4.48 -6.32 1.81
CA VAL A 194 -5.81 -5.76 1.75
C VAL A 194 -6.16 -5.51 0.28
N SER A 195 -7.24 -6.13 -0.22
CA SER A 195 -7.53 -6.16 -1.67
C SER A 195 -8.80 -5.39 -1.92
N PRO A 196 -8.74 -4.13 -2.38
CA PRO A 196 -9.98 -3.38 -2.67
C PRO A 196 -10.53 -3.71 -4.07
N GLY A 197 -11.89 -3.60 -4.18
CA GLY A 197 -12.54 -3.34 -5.45
C GLY A 197 -12.46 -1.84 -5.77
N LEU A 198 -13.43 -1.31 -6.53
CA LEU A 198 -13.27 0.07 -7.04
C LEU A 198 -13.32 1.05 -5.87
N VAL A 199 -12.38 2.03 -5.90
CA VAL A 199 -12.30 3.09 -4.89
C VAL A 199 -12.15 4.39 -5.65
N ARG A 200 -12.85 5.45 -5.17
CA ARG A 200 -12.73 6.72 -5.86
C ARG A 200 -11.42 7.42 -5.47
N THR A 201 -10.43 7.48 -6.39
CA THR A 201 -9.14 8.06 -6.02
C THR A 201 -8.63 8.82 -7.23
N ALA A 202 -7.32 9.07 -7.31
CA ALA A 202 -6.84 9.69 -8.54
C ALA A 202 -6.49 8.63 -9.59
N MET A 203 -6.64 7.32 -9.25
CA MET A 203 -6.31 6.29 -10.23
C MET A 203 -7.53 6.15 -11.17
N THR A 204 -7.34 6.30 -12.49
CA THR A 204 -8.50 6.12 -13.37
C THR A 204 -8.52 4.64 -13.76
N VAL A 205 -9.53 3.95 -13.21
CA VAL A 205 -9.66 2.53 -13.50
C VAL A 205 -10.57 2.39 -14.71
N ALA A 206 -11.75 2.99 -14.59
CA ALA A 206 -12.72 3.10 -15.71
C ALA A 206 -12.99 4.59 -15.88
N ALA A 207 -12.79 5.11 -17.11
CA ALA A 207 -13.19 6.49 -17.40
C ALA A 207 -14.70 6.68 -17.19
N ASP A 208 -15.51 5.67 -17.50
CA ASP A 208 -16.96 5.85 -17.38
C ASP A 208 -17.42 5.23 -16.04
N ASP A 209 -16.97 5.80 -14.92
CA ASP A 209 -17.16 5.16 -13.63
C ASP A 209 -18.15 5.93 -12.76
N SER A 210 -18.79 6.99 -13.27
CA SER A 210 -19.61 7.81 -12.39
C SER A 210 -20.84 7.09 -11.85
N GLU A 211 -21.31 6.06 -12.53
CA GLU A 211 -22.51 5.38 -12.01
C GLU A 211 -22.17 4.10 -11.26
N MET A 212 -20.86 3.75 -11.19
CA MET A 212 -20.48 2.49 -10.59
C MET A 212 -20.37 2.64 -9.08
N PRO A 213 -20.73 1.63 -8.28
CA PRO A 213 -20.47 1.64 -6.82
C PRO A 213 -18.97 1.81 -6.61
N ALA A 214 -18.59 2.66 -5.64
CA ALA A 214 -17.18 2.85 -5.38
C ALA A 214 -16.97 3.14 -3.91
N LEU A 215 -15.93 2.48 -3.35
CA LEU A 215 -15.58 2.79 -1.97
C LEU A 215 -15.00 4.20 -1.90
N THR A 216 -14.98 4.75 -0.67
CA THR A 216 -14.21 5.97 -0.46
C THR A 216 -12.83 5.55 0.03
N PRO A 217 -11.81 6.43 -0.14
CA PRO A 217 -10.53 6.16 0.47
C PRO A 217 -10.65 5.88 1.97
N LYS A 218 -11.52 6.60 2.68
CA LYS A 218 -11.61 6.31 4.11
C LYS A 218 -12.11 4.90 4.37
N ASP A 219 -13.04 4.38 3.52
CA ASP A 219 -13.46 3.00 3.76
C ASP A 219 -12.25 2.07 3.77
N VAL A 220 -11.31 2.27 2.84
CA VAL A 220 -10.15 1.36 2.79
C VAL A 220 -9.26 1.63 4.02
N ALA A 221 -9.05 2.92 4.36
CA ALA A 221 -8.21 3.22 5.51
C ALA A 221 -8.81 2.60 6.79
N ASP A 222 -10.12 2.64 6.91
CA ASP A 222 -10.82 2.02 8.03
C ASP A 222 -10.49 0.53 8.17
N ALA A 223 -10.43 -0.15 7.01
CA ALA A 223 -10.10 -1.57 7.02
C ALA A 223 -8.62 -1.76 7.41
N VAL A 224 -7.72 -0.87 6.95
CA VAL A 224 -6.31 -0.96 7.34
C VAL A 224 -6.18 -0.74 8.85
N LEU A 225 -6.89 0.24 9.39
CA LEU A 225 -6.80 0.44 10.86
C LEU A 225 -7.33 -0.80 11.59
N TYR A 226 -8.41 -1.45 11.10
CA TYR A 226 -8.86 -2.68 11.74
C TYR A 226 -7.76 -3.74 11.72
N VAL A 227 -7.10 -3.96 10.57
CA VAL A 227 -6.12 -5.04 10.63
C VAL A 227 -4.91 -4.69 11.50
N ILE A 228 -4.52 -3.43 11.60
CA ILE A 228 -3.40 -3.08 12.51
C ILE A 228 -3.89 -3.25 13.94
N SER A 229 -5.16 -2.97 14.22
CA SER A 229 -5.63 -3.10 15.60
C SER A 229 -5.70 -4.52 16.16
N THR A 230 -5.64 -5.53 15.31
CA THR A 230 -5.84 -6.92 15.77
C THR A 230 -4.69 -7.30 16.68
N PRO A 231 -4.93 -8.27 17.60
CA PRO A 231 -3.96 -8.56 18.64
C PRO A 231 -2.65 -9.11 18.08
N PRO A 232 -1.53 -9.00 18.85
CA PRO A 232 -0.22 -9.44 18.35
C PRO A 232 -0.18 -10.91 17.94
N THR A 233 -1.12 -11.74 18.40
CA THR A 233 -1.10 -13.19 18.09
C THR A 233 -2.04 -13.53 16.95
N VAL A 234 -2.71 -12.50 16.37
CA VAL A 234 -3.77 -12.74 15.38
C VAL A 234 -3.33 -12.11 14.04
N ASN A 235 -3.14 -12.91 12.97
CA ASN A 235 -2.86 -12.31 11.66
C ASN A 235 -4.13 -12.15 10.85
N ILE A 236 -4.28 -11.03 10.15
CA ILE A 236 -5.29 -11.02 9.07
C ILE A 236 -4.49 -11.17 7.78
N ASN A 237 -4.51 -12.40 7.24
CA ASN A 237 -3.70 -12.60 6.03
C ASN A 237 -4.25 -11.82 4.83
N GLU A 238 -5.58 -11.81 4.69
CA GLU A 238 -6.19 -11.19 3.52
C GLU A 238 -7.51 -10.54 3.96
N LEU A 239 -7.77 -9.34 3.51
CA LEU A 239 -9.02 -8.65 3.77
C LEU A 239 -9.41 -8.06 2.41
N THR A 240 -10.45 -8.66 1.75
CA THR A 240 -10.90 -8.18 0.47
C THR A 240 -12.11 -7.30 0.73
N ILE A 241 -12.10 -6.06 0.20
CA ILE A 241 -13.12 -5.09 0.55
C ILE A 241 -13.63 -4.48 -0.75
N THR A 242 -14.97 -4.49 -0.95
CA THR A 242 -15.49 -4.07 -2.25
C THR A 242 -16.76 -3.26 -2.02
N PRO A 243 -17.10 -2.36 -2.95
CA PRO A 243 -18.36 -1.64 -2.72
C PRO A 243 -19.54 -2.56 -2.99
N VAL A 244 -20.67 -2.37 -2.30
CA VAL A 244 -21.81 -3.29 -2.46
C VAL A 244 -22.46 -3.11 -3.83
N THR A 245 -22.72 -4.25 -4.52
CA THR A 245 -23.29 -4.34 -5.89
C THR A 245 -22.21 -4.26 -6.95
N GLU A 246 -20.95 -4.18 -6.55
CA GLU A 246 -19.87 -4.16 -7.54
C GLU A 246 -20.01 -5.33 -8.51
N ARG A 247 -19.72 -5.02 -9.77
CA ARG A 247 -19.54 -5.97 -10.88
C ARG A 247 -18.08 -5.81 -11.33
N ARG A 248 -17.23 -6.77 -10.93
CA ARG A 248 -15.81 -6.65 -11.20
C ARG A 248 -15.60 -6.52 -12.73
N LEU A 249 -14.53 -5.80 -13.09
CA LEU A 249 -14.23 -5.51 -14.52
C LEU A 249 -13.50 -6.69 -15.23
#